data_9RQ1
#
_entry.id   9RQ1
#
_cell.length_a   68.062
_cell.length_b   89.744
_cell.length_c   44.928
_cell.angle_alpha   90.000
_cell.angle_beta   90.000
_cell.angle_gamma   90.000
#
_symmetry.space_group_name_H-M   'P 21 21 2'
#
loop_
_entity.id
_entity.type
_entity.pdbx_description
1 polymer 'FosA family fosfomycin resistance glutathione transferase'
2 non-polymer 1,2-ETHANEDIOL
3 non-polymer 'MANGANESE (II) ION'
4 non-polymer (3S)-3-hydroxy-2-methyl-2,3-dihydro-1H-isoindol-1-one
5 non-polymer 'DIMETHYL SULFOXIDE'
6 water water
#
_entity_poly.entity_id   1
_entity_poly.type   'polypeptide(L)'
_entity_poly.pdbx_seq_one_letter_code
;MLSGLNHLTLAVSQLAPSVAFYQQLLGMTLHARWDSGAYLSCGDLWLCLSLDPQRRVTPPEESDYTHYAFSISEADFASF
AARLEAAGVAVWKLNRSEGASHYFLDPDGHKLELHVGSLAQRLAACREQPYKGMVFFEQHHHHHH
;
_entity_poly.pdbx_strand_id   A,B
#
# COMPACT_ATOMS: atom_id res chain seq x y z
N MET A 1 -19.28 5.06 -1.21
CA MET A 1 -18.48 3.92 -0.72
C MET A 1 -16.99 4.18 -0.96
N LEU A 2 -16.16 3.21 -0.63
CA LEU A 2 -14.74 3.35 -0.92
C LEU A 2 -14.51 3.03 -2.38
N SER A 3 -13.61 3.79 -3.02
N SER A 3 -13.67 3.82 -3.04
CA SER A 3 -13.46 3.69 -4.46
CA SER A 3 -13.30 3.53 -4.42
C SER A 3 -12.07 3.31 -4.94
C SER A 3 -11.84 3.84 -4.65
N GLY A 4 -11.14 3.04 -4.06
N GLY A 4 -11.02 2.81 -4.55
CA GLY A 4 -9.80 2.62 -4.46
CA GLY A 4 -9.63 2.94 -4.88
C GLY A 4 -8.78 3.12 -3.46
C GLY A 4 -8.77 3.34 -3.69
N LEU A 5 -7.50 3.06 -3.87
CA LEU A 5 -6.45 3.51 -2.98
C LEU A 5 -6.21 4.99 -3.31
N ASN A 6 -6.41 5.85 -2.32
CA ASN A 6 -6.13 7.26 -2.48
C ASN A 6 -4.64 7.53 -2.50
N HIS A 7 -3.89 6.94 -1.57
CA HIS A 7 -2.44 7.06 -1.55
C HIS A 7 -1.86 5.95 -0.71
N LEU A 8 -0.58 5.66 -1.00
CA LEU A 8 0.26 4.78 -0.19
C LEU A 8 1.31 5.65 0.48
N THR A 9 1.42 5.58 1.79
CA THR A 9 2.46 6.28 2.54
C THR A 9 3.41 5.29 3.15
N LEU A 10 4.68 5.43 2.81
CA LEU A 10 5.74 4.61 3.39
C LEU A 10 6.57 5.46 4.33
N ALA A 11 6.72 4.98 5.57
CA ALA A 11 7.63 5.60 6.52
C ALA A 11 9.06 5.27 6.12
N VAL A 12 9.92 6.27 6.11
CA VAL A 12 11.30 6.06 5.72
C VAL A 12 12.23 6.60 6.79
N SER A 13 13.41 5.98 6.92
CA SER A 13 14.36 6.42 7.93
C SER A 13 15.29 7.51 7.43
N GLN A 14 15.59 7.54 6.14
CA GLN A 14 16.46 8.53 5.55
C GLN A 14 15.82 8.98 4.25
N LEU A 15 15.44 10.24 4.18
CA LEU A 15 14.59 10.67 3.09
C LEU A 15 15.31 10.64 1.75
N ALA A 16 16.52 11.18 1.68
CA ALA A 16 17.19 11.30 0.40
C ALA A 16 17.45 9.95 -0.26
N PRO A 17 17.94 8.93 0.42
N PRO A 17 18.04 8.96 0.40
CA PRO A 17 18.13 7.64 -0.26
CA PRO A 17 18.18 7.64 -0.23
C PRO A 17 16.83 7.00 -0.68
C PRO A 17 16.86 7.06 -0.69
N SER A 18 15.76 7.23 0.07
N SER A 18 15.79 7.23 0.10
CA SER A 18 14.47 6.68 -0.33
CA SER A 18 14.50 6.71 -0.31
C SER A 18 13.92 7.40 -1.56
C SER A 18 14.03 7.39 -1.59
N VAL A 19 14.04 8.73 -1.61
CA VAL A 19 13.61 9.43 -2.82
C VAL A 19 14.40 8.92 -4.02
N ALA A 20 15.72 8.75 -3.83
CA ALA A 20 16.55 8.30 -4.94
C ALA A 20 16.12 6.90 -5.40
N PHE A 21 15.79 6.02 -4.46
CA PHE A 21 15.34 4.69 -4.82
C PHE A 21 14.07 4.73 -5.66
N TYR A 22 13.05 5.45 -5.21
CA TYR A 22 11.78 5.43 -5.95
C TYR A 22 11.85 6.23 -7.23
N GLN A 23 12.57 7.35 -7.22
CA GLN A 23 12.64 8.20 -8.40
C GLN A 23 13.70 7.69 -9.38
N GLN A 24 14.95 7.61 -8.93
CA GLN A 24 16.02 7.26 -9.86
C GLN A 24 15.99 5.79 -10.23
N LEU A 25 15.89 4.90 -9.24
CA LEU A 25 16.03 3.49 -9.56
C LEU A 25 14.74 2.91 -10.11
N LEU A 26 13.61 3.24 -9.50
CA LEU A 26 12.35 2.68 -9.98
C LEU A 26 11.66 3.54 -11.05
N GLY A 27 12.11 4.78 -11.26
CA GLY A 27 11.57 5.59 -12.34
C GLY A 27 10.27 6.28 -12.05
N MET A 28 9.86 6.36 -10.79
CA MET A 28 8.64 7.09 -10.46
C MET A 28 8.87 8.58 -10.63
N THR A 29 7.77 9.31 -10.75
CA THR A 29 7.84 10.76 -10.96
C THR A 29 7.84 11.49 -9.63
N LEU A 30 8.86 12.29 -9.39
CA LEU A 30 8.94 13.12 -8.19
C LEU A 30 8.23 14.44 -8.44
N HIS A 31 7.24 14.76 -7.60
CA HIS A 31 6.49 16.01 -7.73
C HIS A 31 6.93 17.07 -6.74
N ALA A 32 7.29 16.67 -5.52
CA ALA A 32 7.67 17.63 -4.51
C ALA A 32 8.43 16.89 -3.43
N ARG A 33 9.30 17.64 -2.72
N ARG A 33 9.32 17.60 -2.77
CA ARG A 33 10.14 17.14 -1.65
CA ARG A 33 9.91 17.09 -1.55
C ARG A 33 10.29 18.24 -0.60
C ARG A 33 10.05 18.24 -0.57
N TRP A 34 10.23 17.88 0.68
CA TRP A 34 10.36 18.88 1.75
C TRP A 34 11.19 18.23 2.85
N ASP A 35 11.38 18.94 3.94
CA ASP A 35 12.34 18.45 4.91
C ASP A 35 11.95 17.10 5.51
N SER A 36 10.66 16.77 5.50
N SER A 36 10.66 16.75 5.51
CA SER A 36 10.14 15.58 6.16
CA SER A 36 10.24 15.51 6.13
C SER A 36 9.41 14.62 5.23
C SER A 36 9.36 14.67 5.22
N GLY A 37 9.46 14.83 3.92
CA GLY A 37 8.77 13.90 3.05
C GLY A 37 8.90 14.22 1.59
N ALA A 38 8.24 13.38 0.79
CA ALA A 38 8.19 13.60 -0.64
C ALA A 38 6.90 13.01 -1.20
N TYR A 39 6.46 13.59 -2.31
CA TYR A 39 5.32 13.09 -3.06
C TYR A 39 5.79 12.64 -4.44
N LEU A 40 5.44 11.41 -4.80
CA LEU A 40 5.75 10.85 -6.10
C LEU A 40 4.48 10.26 -6.70
N SER A 41 4.50 10.02 -8.00
CA SER A 41 3.45 9.24 -8.62
C SER A 41 4.04 8.13 -9.46
N CYS A 42 3.26 7.09 -9.61
CA CYS A 42 3.60 5.94 -10.43
C CYS A 42 2.30 5.62 -11.16
N GLY A 43 2.18 6.07 -12.40
CA GLY A 43 0.89 6.03 -13.04
C GLY A 43 -0.09 6.82 -12.20
N ASP A 44 -1.23 6.22 -11.88
N ASP A 44 -1.23 6.18 -11.89
CA ASP A 44 -2.19 6.92 -11.04
CA ASP A 44 -2.25 6.80 -11.05
C ASP A 44 -2.01 6.63 -9.55
C ASP A 44 -1.90 6.78 -9.56
N LEU A 45 -0.90 6.00 -9.15
CA LEU A 45 -0.62 5.85 -7.72
C LEU A 45 0.03 7.12 -7.18
N TRP A 46 -0.52 7.63 -6.08
CA TRP A 46 0.09 8.67 -5.27
C TRP A 46 0.87 7.98 -4.16
N LEU A 47 2.18 8.12 -4.21
CA LEU A 47 3.10 7.61 -3.20
C LEU A 47 3.63 8.76 -2.35
N CYS A 48 3.52 8.61 -1.04
N CYS A 48 3.52 8.63 -1.03
CA CYS A 48 4.11 9.53 -0.09
CA CYS A 48 4.14 9.58 -0.12
C CYS A 48 5.25 8.79 0.61
C CYS A 48 5.21 8.87 0.69
N LEU A 49 6.42 9.44 0.68
CA LEU A 49 7.50 9.00 1.55
C LEU A 49 7.52 9.96 2.72
N SER A 50 7.39 9.44 3.93
CA SER A 50 7.31 10.25 5.13
C SER A 50 8.48 9.91 6.04
N LEU A 51 9.31 10.91 6.31
CA LEU A 51 10.44 10.72 7.22
C LEU A 51 9.91 10.41 8.61
N ASP A 52 10.30 9.29 9.17
CA ASP A 52 9.76 8.89 10.45
C ASP A 52 10.90 8.37 11.30
N PRO A 53 11.22 9.04 12.42
CA PRO A 53 12.27 8.51 13.31
C PRO A 53 11.97 7.13 13.86
N GLN A 54 10.71 6.69 13.81
N GLN A 54 10.72 6.68 13.80
CA GLN A 54 10.36 5.35 14.26
CA GLN A 54 10.37 5.34 14.27
C GLN A 54 10.68 4.27 13.23
C GLN A 54 10.48 4.27 13.19
N ARG A 55 10.82 4.62 11.95
CA ARG A 55 11.10 3.59 10.94
C ARG A 55 12.44 2.92 11.18
N ARG A 56 12.43 1.59 11.21
CA ARG A 56 13.66 0.83 11.33
C ARG A 56 13.92 0.10 10.02
N VAL A 57 15.20 -0.04 9.70
CA VAL A 57 15.62 -0.84 8.56
C VAL A 57 15.39 -2.28 8.96
N THR A 58 14.48 -2.97 8.29
CA THR A 58 13.96 -4.22 8.80
C THR A 58 14.32 -5.36 7.86
N PRO A 59 15.06 -6.37 8.34
CA PRO A 59 15.35 -7.51 7.47
C PRO A 59 14.07 -8.27 7.16
N PRO A 60 14.00 -8.93 6.01
CA PRO A 60 12.75 -9.53 5.55
C PRO A 60 12.29 -10.69 6.40
N GLU A 61 13.20 -11.35 7.12
CA GLU A 61 12.80 -12.43 8.02
C GLU A 61 12.13 -11.90 9.27
N GLU A 62 12.22 -10.60 9.54
N GLU A 62 12.24 -10.59 9.53
CA GLU A 62 11.64 -10.02 10.74
CA GLU A 62 11.67 -9.95 10.72
C GLU A 62 10.45 -9.11 10.43
C GLU A 62 10.31 -9.32 10.46
N SER A 63 9.92 -9.17 9.20
CA SER A 63 8.62 -8.58 8.89
C SER A 63 7.70 -9.63 8.31
N ASP A 64 6.40 -9.34 8.40
CA ASP A 64 5.39 -10.22 7.84
C ASP A 64 5.29 -10.02 6.33
N TYR A 65 4.33 -10.71 5.73
CA TYR A 65 4.19 -10.77 4.27
C TYR A 65 3.55 -9.53 3.65
N THR A 66 3.22 -8.50 4.44
CA THR A 66 2.63 -7.29 3.86
C THR A 66 3.57 -6.74 2.80
N HIS A 67 3.04 -6.43 1.62
CA HIS A 67 3.91 -5.99 0.52
C HIS A 67 3.12 -5.19 -0.50
N TYR A 68 3.87 -4.51 -1.37
CA TYR A 68 3.34 -3.54 -2.32
C TYR A 68 3.88 -3.91 -3.70
N ALA A 69 2.98 -4.24 -4.62
CA ALA A 69 3.35 -4.67 -5.95
C ALA A 69 3.05 -3.56 -6.95
N PHE A 70 3.98 -3.35 -7.87
CA PHE A 70 3.86 -2.36 -8.93
C PHE A 70 3.69 -3.07 -10.27
N SER A 71 2.84 -2.52 -11.11
CA SER A 71 2.56 -3.09 -12.41
C SER A 71 3.67 -2.80 -13.40
N ILE A 72 3.99 -3.80 -14.21
CA ILE A 72 4.93 -3.67 -15.31
C ILE A 72 4.46 -4.59 -16.42
N SER A 73 4.79 -4.22 -17.65
CA SER A 73 4.36 -5.00 -18.78
C SER A 73 5.20 -6.27 -18.92
N GLU A 74 4.64 -7.23 -19.64
CA GLU A 74 5.37 -8.44 -19.96
C GLU A 74 6.67 -8.13 -20.72
N ALA A 75 6.64 -7.12 -21.60
CA ALA A 75 7.81 -6.78 -22.40
C ALA A 75 8.93 -6.19 -21.55
N ASP A 76 8.59 -5.46 -20.48
CA ASP A 76 9.58 -4.75 -19.68
C ASP A 76 10.03 -5.52 -18.44
N PHE A 77 9.29 -6.56 -18.04
CA PHE A 77 9.48 -7.17 -16.73
C PHE A 77 10.89 -7.69 -16.51
N ALA A 78 11.37 -8.54 -17.41
CA ALA A 78 12.62 -9.24 -17.15
C ALA A 78 13.80 -8.28 -17.10
N SER A 79 13.84 -7.30 -18.00
N SER A 79 13.85 -7.33 -18.03
CA SER A 79 15.00 -6.43 -18.02
CA SER A 79 14.94 -6.38 -18.07
C SER A 79 15.01 -5.49 -16.81
C SER A 79 14.99 -5.58 -16.77
N PHE A 80 13.83 -5.12 -16.32
CA PHE A 80 13.75 -4.27 -15.13
C PHE A 80 14.19 -5.06 -13.91
N ALA A 81 13.71 -6.30 -13.78
CA ALA A 81 14.15 -7.17 -12.70
C ALA A 81 15.66 -7.37 -12.74
N ALA A 82 16.21 -7.62 -13.94
CA ALA A 82 17.65 -7.88 -14.03
C ALA A 82 18.45 -6.64 -13.69
N ARG A 83 17.94 -5.46 -14.04
CA ARG A 83 18.61 -4.22 -13.68
C ARG A 83 18.63 -4.02 -12.16
N LEU A 84 17.51 -4.29 -11.48
CA LEU A 84 17.54 -4.22 -10.03
C LEU A 84 18.55 -5.19 -9.44
N GLU A 85 18.59 -6.43 -9.96
CA GLU A 85 19.55 -7.41 -9.47
C GLU A 85 20.97 -6.91 -9.68
N ALA A 86 21.26 -6.40 -10.87
CA ALA A 86 22.62 -5.94 -11.14
C ALA A 86 22.98 -4.74 -10.29
N ALA A 87 22.01 -3.94 -9.88
CA ALA A 87 22.24 -2.81 -9.00
C ALA A 87 22.39 -3.21 -7.53
N GLY A 88 22.26 -4.49 -7.21
CA GLY A 88 22.47 -4.94 -5.85
C GLY A 88 21.26 -4.82 -4.95
N VAL A 89 20.07 -4.66 -5.51
CA VAL A 89 18.86 -4.53 -4.70
C VAL A 89 18.56 -5.86 -4.04
N ALA A 90 18.35 -5.82 -2.72
CA ALA A 90 18.12 -7.00 -1.93
C ALA A 90 16.76 -7.59 -2.25
N VAL A 91 16.63 -8.88 -1.97
N VAL A 91 16.63 -8.90 -2.05
CA VAL A 91 15.42 -9.57 -2.32
CA VAL A 91 15.46 -9.67 -2.48
C VAL A 91 14.83 -10.18 -1.07
C VAL A 91 14.95 -10.51 -1.31
N TRP A 92 13.65 -10.73 -1.27
CA TRP A 92 12.99 -11.34 -0.13
C TRP A 92 12.20 -12.56 -0.53
N LYS A 93 12.01 -12.83 -1.82
CA LYS A 93 11.27 -14.04 -2.17
C LYS A 93 11.63 -14.44 -3.58
N LEU A 94 11.67 -15.76 -3.80
CA LEU A 94 12.08 -16.31 -5.09
C LEU A 94 11.01 -17.14 -5.77
N ASN A 95 10.15 -17.84 -5.01
CA ASN A 95 9.16 -18.73 -5.57
C ASN A 95 7.97 -17.94 -6.08
N ARG A 96 7.62 -18.15 -7.36
CA ARG A 96 6.53 -17.40 -8.00
C ARG A 96 5.21 -18.10 -7.70
N SER A 97 4.67 -17.75 -6.53
CA SER A 97 3.44 -18.34 -6.05
C SER A 97 2.21 -17.58 -6.52
N GLU A 98 2.37 -16.44 -7.19
CA GLU A 98 1.23 -15.64 -7.64
C GLU A 98 1.51 -15.08 -9.03
N GLY A 99 2.15 -15.88 -9.89
CA GLY A 99 2.42 -15.48 -11.26
C GLY A 99 3.81 -14.88 -11.45
N ALA A 100 3.90 -14.07 -12.49
CA ALA A 100 5.18 -13.49 -12.90
C ALA A 100 5.49 -12.29 -12.02
N SER A 101 6.38 -12.49 -11.05
CA SER A 101 6.69 -11.49 -10.05
C SER A 101 8.17 -11.52 -9.72
N HIS A 102 8.70 -10.35 -9.35
CA HIS A 102 10.04 -10.18 -8.82
C HIS A 102 9.90 -9.48 -7.48
N TYR A 103 10.47 -10.07 -6.43
CA TYR A 103 10.31 -9.59 -5.06
C TYR A 103 11.60 -8.93 -4.59
N PHE A 104 11.51 -7.67 -4.19
CA PHE A 104 12.71 -6.91 -3.84
C PHE A 104 12.39 -5.97 -2.69
N LEU A 105 13.44 -5.49 -2.03
CA LEU A 105 13.33 -4.65 -0.85
C LEU A 105 13.74 -3.22 -1.13
N ASP A 106 13.06 -2.26 -0.49
CA ASP A 106 13.50 -0.86 -0.49
C ASP A 106 14.56 -0.67 0.58
N PRO A 107 15.14 0.54 0.67
CA PRO A 107 16.25 0.74 1.61
C PRO A 107 15.90 0.47 3.06
N ASP A 108 14.64 0.62 3.46
CA ASP A 108 14.22 0.33 4.82
C ASP A 108 13.65 -1.07 5.00
N GLY A 109 13.70 -1.88 3.95
CA GLY A 109 13.13 -3.20 4.01
C GLY A 109 11.65 -3.28 3.71
N HIS A 110 11.03 -2.21 3.22
CA HIS A 110 9.67 -2.38 2.73
C HIS A 110 9.69 -3.42 1.63
N LYS A 111 8.72 -4.33 1.69
CA LYS A 111 8.64 -5.43 0.75
C LYS A 111 7.89 -4.99 -0.50
N LEU A 112 8.60 -4.99 -1.62
CA LEU A 112 8.09 -4.56 -2.90
C LEU A 112 8.07 -5.73 -3.88
N GLU A 113 7.37 -5.52 -4.99
CA GLU A 113 7.19 -6.54 -6.00
C GLU A 113 6.97 -5.86 -7.34
N LEU A 114 7.55 -6.42 -8.40
CA LEU A 114 7.12 -6.16 -9.77
C LEU A 114 6.21 -7.31 -10.17
N HIS A 115 5.05 -7.01 -10.72
CA HIS A 115 4.13 -8.06 -11.14
C HIS A 115 3.54 -7.77 -12.50
N VAL A 116 3.46 -8.79 -13.33
CA VAL A 116 2.81 -8.72 -14.64
C VAL A 116 1.43 -9.34 -14.48
N GLY A 117 0.39 -8.56 -14.72
CA GLY A 117 -0.96 -9.10 -14.79
C GLY A 117 -1.94 -8.46 -13.84
N SER A 118 -3.22 -8.50 -14.21
CA SER A 118 -4.32 -7.94 -13.46
C SER A 118 -4.92 -8.98 -12.50
N LEU A 119 -5.82 -8.51 -11.65
CA LEU A 119 -6.59 -9.41 -10.80
C LEU A 119 -7.40 -10.39 -11.63
N ALA A 120 -8.05 -9.89 -12.70
CA ALA A 120 -8.80 -10.80 -13.57
C ALA A 120 -7.90 -11.89 -14.12
N GLN A 121 -6.70 -11.54 -14.56
CA GLN A 121 -5.80 -12.55 -15.10
C GLN A 121 -5.35 -13.51 -14.01
N ARG A 122 -5.17 -13.02 -12.79
N ARG A 122 -5.09 -12.99 -12.81
CA ARG A 122 -4.75 -13.93 -11.72
CA ARG A 122 -4.77 -13.85 -11.67
C ARG A 122 -5.88 -14.87 -11.32
C ARG A 122 -5.87 -14.86 -11.45
N LEU A 123 -7.12 -14.40 -11.36
CA LEU A 123 -8.23 -15.28 -11.07
C LEU A 123 -8.35 -16.35 -12.14
N ALA A 124 -8.18 -15.98 -13.41
CA ALA A 124 -8.24 -16.97 -14.48
C ALA A 124 -7.12 -18.00 -14.33
N ALA A 125 -5.92 -17.55 -13.96
CA ALA A 125 -4.84 -18.51 -13.78
C ALA A 125 -5.13 -19.44 -12.60
N CYS A 126 -5.71 -18.87 -11.54
CA CYS A 126 -6.00 -19.65 -10.33
C CYS A 126 -7.09 -20.69 -10.58
N ARG A 127 -8.02 -20.43 -11.50
CA ARG A 127 -9.00 -21.46 -11.81
C ARG A 127 -8.34 -22.72 -12.33
N GLU A 128 -7.23 -22.57 -13.06
CA GLU A 128 -6.51 -23.74 -13.59
C GLU A 128 -5.55 -24.33 -12.56
N GLN A 129 -4.94 -23.48 -11.74
CA GLN A 129 -3.93 -23.88 -10.77
C GLN A 129 -4.33 -23.17 -9.50
N PRO A 130 -5.38 -23.63 -8.83
CA PRO A 130 -5.90 -22.89 -7.69
C PRO A 130 -5.06 -23.10 -6.45
N TYR A 131 -5.12 -22.10 -5.57
N TYR A 131 -5.16 -22.12 -5.55
CA TYR A 131 -4.57 -22.27 -4.24
CA TYR A 131 -4.64 -22.32 -4.22
C TYR A 131 -5.47 -23.23 -3.44
C TYR A 131 -5.43 -23.43 -3.55
N LYS A 132 -4.89 -23.93 -2.45
CA LYS A 132 -5.63 -24.94 -1.69
C LYS A 132 -6.92 -24.39 -1.07
N GLY A 133 -8.03 -25.07 -1.32
CA GLY A 133 -9.30 -24.65 -0.76
C GLY A 133 -9.95 -23.47 -1.45
N MET A 134 -9.49 -23.11 -2.64
CA MET A 134 -9.93 -21.87 -3.27
C MET A 134 -11.38 -21.96 -3.73
N VAL A 135 -12.14 -20.91 -3.43
N VAL A 135 -12.13 -20.92 -3.44
CA VAL A 135 -13.50 -20.70 -3.89
CA VAL A 135 -13.49 -20.73 -3.92
C VAL A 135 -13.54 -19.35 -4.59
C VAL A 135 -13.55 -19.36 -4.59
N PHE A 136 -14.32 -19.29 -5.68
CA PHE A 136 -14.47 -18.09 -6.49
C PHE A 136 -15.90 -17.60 -6.34
N PHE A 137 -16.04 -16.30 -6.15
CA PHE A 137 -17.37 -15.70 -5.99
C PHE A 137 -17.78 -14.95 -7.25
N MET B 1 9.23 0.08 -17.36
CA MET B 1 8.54 1.23 -16.70
C MET B 1 7.35 0.79 -15.87
N LEU B 2 7.25 1.31 -14.66
CA LEU B 2 6.16 0.92 -13.77
C LEU B 2 4.94 1.78 -14.06
N SER B 3 3.78 1.15 -14.09
CA SER B 3 2.59 1.83 -14.56
C SER B 3 1.54 2.07 -13.49
N GLY B 4 1.78 1.66 -12.26
CA GLY B 4 0.83 1.88 -11.19
C GLY B 4 1.02 0.86 -10.09
N LEU B 5 0.13 0.94 -9.10
CA LEU B 5 0.08 -0.10 -8.07
C LEU B 5 -0.67 -1.29 -8.62
N ASN B 6 -0.01 -2.44 -8.62
CA ASN B 6 -0.64 -3.66 -9.07
C ASN B 6 -1.55 -4.26 -8.01
N HIS B 7 -1.03 -4.44 -6.79
CA HIS B 7 -1.85 -4.91 -5.69
C HIS B 7 -1.20 -4.51 -4.38
N LEU B 8 -2.04 -4.44 -3.35
CA LEU B 8 -1.63 -4.28 -1.96
C LEU B 8 -1.93 -5.58 -1.23
N THR B 9 -0.92 -6.15 -0.58
CA THR B 9 -1.10 -7.35 0.22
C THR B 9 -0.89 -7.03 1.68
N LEU B 10 -1.90 -7.36 2.50
CA LEU B 10 -1.81 -7.20 3.94
C LEU B 10 -1.72 -8.59 4.58
N ALA B 11 -0.69 -8.78 5.40
CA ALA B 11 -0.60 -9.98 6.23
C ALA B 11 -1.62 -9.88 7.35
N VAL B 12 -2.36 -10.96 7.58
CA VAL B 12 -3.41 -10.99 8.59
C VAL B 12 -3.20 -12.18 9.50
N SER B 13 -3.57 -12.02 10.77
CA SER B 13 -3.38 -13.09 11.74
C SER B 13 -4.55 -14.07 11.74
N GLN B 14 -5.75 -13.61 11.40
CA GLN B 14 -6.96 -14.45 11.37
C GLN B 14 -7.75 -14.05 10.14
N LEU B 15 -7.96 -15.00 9.24
CA LEU B 15 -8.54 -14.65 7.95
C LEU B 15 -9.99 -14.24 8.07
N ALA B 16 -10.79 -14.96 8.87
CA ALA B 16 -12.22 -14.66 8.89
C ALA B 16 -12.52 -13.25 9.37
N PRO B 17 -11.95 -12.77 10.48
CA PRO B 17 -12.27 -11.38 10.87
C PRO B 17 -11.75 -10.36 9.89
N SER B 18 -10.63 -10.64 9.23
CA SER B 18 -10.12 -9.69 8.25
C SER B 18 -11.01 -9.64 7.01
N VAL B 19 -11.49 -10.79 6.53
CA VAL B 19 -12.46 -10.77 5.45
C VAL B 19 -13.71 -10.02 5.86
N ALA B 20 -14.21 -10.27 7.08
CA ALA B 20 -15.40 -9.55 7.54
C ALA B 20 -15.17 -8.04 7.54
N PHE B 21 -14.00 -7.60 8.00
CA PHE B 21 -13.68 -6.17 8.07
C PHE B 21 -13.66 -5.56 6.69
N TYR B 22 -12.90 -6.14 5.76
CA TYR B 22 -12.75 -5.52 4.45
C TYR B 22 -13.98 -5.68 3.57
N GLN B 23 -14.64 -6.85 3.59
CA GLN B 23 -15.81 -7.07 2.77
C GLN B 23 -17.07 -6.45 3.38
N GLN B 24 -17.38 -6.85 4.62
CA GLN B 24 -18.67 -6.47 5.17
C GLN B 24 -18.64 -5.06 5.76
N LEU B 25 -17.65 -4.74 6.59
CA LEU B 25 -17.63 -3.41 7.19
C LEU B 25 -17.24 -2.35 6.16
N LEU B 26 -16.14 -2.57 5.42
N LEU B 26 -16.15 -2.58 5.41
CA LEU B 26 -15.68 -1.54 4.50
CA LEU B 26 -15.65 -1.58 4.48
C LEU B 26 -16.38 -1.60 3.14
C LEU B 26 -16.24 -1.69 3.07
N GLY B 27 -17.04 -2.70 2.81
CA GLY B 27 -17.78 -2.80 1.57
C GLY B 27 -17.00 -3.21 0.34
N MET B 28 -15.81 -3.75 0.48
CA MET B 28 -15.04 -4.20 -0.67
C MET B 28 -15.64 -5.50 -1.23
N THR B 29 -15.34 -5.74 -2.51
CA THR B 29 -15.86 -6.91 -3.21
C THR B 29 -14.93 -8.08 -3.02
N LEU B 30 -15.46 -9.19 -2.52
CA LEU B 30 -14.70 -10.42 -2.35
C LEU B 30 -14.79 -11.25 -3.62
N HIS B 31 -13.64 -11.46 -4.25
CA HIS B 31 -13.59 -12.25 -5.47
C HIS B 31 -13.22 -13.72 -5.27
N ALA B 32 -12.37 -14.01 -4.30
CA ALA B 32 -11.96 -15.38 -4.07
C ALA B 32 -11.38 -15.49 -2.68
N ARG B 33 -11.47 -16.69 -2.12
CA ARG B 33 -10.88 -16.99 -0.83
C ARG B 33 -10.35 -18.41 -0.87
N TRP B 34 -9.23 -18.64 -0.20
CA TRP B 34 -8.65 -19.97 -0.10
C TRP B 34 -8.22 -20.15 1.35
N ASP B 35 -7.63 -21.30 1.65
CA ASP B 35 -7.36 -21.62 3.04
C ASP B 35 -6.46 -20.59 3.70
N SER B 36 -5.59 -19.92 2.93
CA SER B 36 -4.64 -18.99 3.53
C SER B 36 -4.71 -17.59 2.94
N GLY B 37 -5.81 -17.20 2.31
CA GLY B 37 -5.90 -15.82 1.87
C GLY B 37 -7.19 -15.51 1.17
N ALA B 38 -7.27 -14.27 0.67
CA ALA B 38 -8.43 -13.79 -0.05
C ALA B 38 -8.01 -12.68 -1.01
N TYR B 39 -8.76 -12.55 -2.10
CA TYR B 39 -8.63 -11.45 -3.02
C TYR B 39 -9.91 -10.62 -3.00
N LEU B 40 -9.75 -9.31 -2.84
CA LEU B 40 -10.83 -8.35 -2.86
C LEU B 40 -10.47 -7.23 -3.81
N SER B 41 -11.49 -6.50 -4.24
CA SER B 41 -11.26 -5.26 -4.97
C SER B 41 -12.02 -4.11 -4.33
N CYS B 42 -11.47 -2.93 -4.54
CA CYS B 42 -12.04 -1.68 -4.07
C CYS B 42 -11.78 -0.70 -5.20
N GLY B 43 -12.76 -0.42 -6.05
CA GLY B 43 -12.44 0.31 -7.27
C GLY B 43 -11.36 -0.43 -8.04
N ASP B 44 -10.32 0.31 -8.45
N ASP B 44 -10.33 0.32 -8.43
CA ASP B 44 -9.19 -0.28 -9.18
CA ASP B 44 -9.19 -0.22 -9.17
C ASP B 44 -8.25 -1.06 -8.26
C ASP B 44 -8.11 -0.81 -8.26
N LEU B 45 -8.34 -0.87 -6.95
CA LEU B 45 -7.42 -1.56 -6.05
C LEU B 45 -7.68 -3.05 -5.97
N TRP B 46 -6.63 -3.83 -6.20
CA TRP B 46 -6.58 -5.25 -5.93
C TRP B 46 -5.94 -5.41 -4.56
N LEU B 47 -6.73 -5.89 -3.60
CA LEU B 47 -6.29 -6.15 -2.25
C LEU B 47 -6.18 -7.64 -2.03
N CYS B 48 -5.05 -8.07 -1.48
N CYS B 48 -5.03 -8.06 -1.49
CA CYS B 48 -4.88 -9.46 -1.07
CA CYS B 48 -4.83 -9.43 -1.06
C CYS B 48 -4.71 -9.49 0.44
C CYS B 48 -4.75 -9.44 0.46
N LEU B 49 -5.50 -10.34 1.09
CA LEU B 49 -5.30 -10.67 2.49
C LEU B 49 -4.56 -11.99 2.53
N SER B 50 -3.43 -12.04 3.22
CA SER B 50 -2.62 -13.24 3.27
C SER B 50 -2.47 -13.67 4.72
N LEU B 51 -2.99 -14.85 5.04
CA LEU B 51 -2.89 -15.38 6.40
C LEU B 51 -1.42 -15.65 6.71
N ASP B 52 -0.92 -15.06 7.77
CA ASP B 52 0.51 -15.12 8.06
C ASP B 52 0.69 -15.27 9.56
N PRO B 53 1.18 -16.41 10.06
N PRO B 53 1.20 -16.42 10.03
CA PRO B 53 1.33 -16.55 11.53
CA PRO B 53 1.56 -16.57 11.45
C PRO B 53 2.34 -15.57 12.10
C PRO B 53 2.61 -15.58 11.93
N GLN B 54 3.16 -14.96 11.26
N GLN B 54 3.31 -14.90 11.01
CA GLN B 54 4.11 -13.95 11.69
CA GLN B 54 4.22 -13.83 11.41
C GLN B 54 3.47 -12.58 11.87
C GLN B 54 3.47 -12.58 11.89
N ARG B 55 2.22 -12.39 11.48
CA ARG B 55 1.56 -11.12 11.72
C ARG B 55 1.22 -10.98 13.20
N ARG B 56 1.69 -9.90 13.82
N ARG B 56 1.72 -9.90 13.82
CA ARG B 56 1.37 -9.56 15.19
CA ARG B 56 1.38 -9.53 15.18
C ARG B 56 0.28 -8.50 15.20
C ARG B 56 0.23 -8.51 15.16
N VAL B 57 -0.69 -8.65 16.11
CA VAL B 57 -1.71 -7.62 16.32
C VAL B 57 -0.96 -6.46 16.98
N THR B 58 -0.77 -5.36 16.24
CA THR B 58 0.26 -4.39 16.60
C THR B 58 -0.37 -3.09 17.06
N PRO B 59 -0.14 -2.66 18.30
CA PRO B 59 -0.67 -1.38 18.75
C PRO B 59 -0.09 -0.25 17.89
N PRO B 60 -0.86 0.83 17.70
CA PRO B 60 -0.38 1.89 16.79
C PRO B 60 0.84 2.62 17.29
N GLU B 61 1.05 2.67 18.61
CA GLU B 61 2.27 3.27 19.13
C GLU B 61 3.49 2.44 18.78
N GLU B 62 3.33 1.18 18.38
CA GLU B 62 4.44 0.28 18.11
C GLU B 62 4.71 0.08 16.63
N SER B 63 3.99 0.74 15.75
CA SER B 63 4.28 0.68 14.34
C SER B 63 4.61 2.08 13.87
N ASP B 64 5.32 2.13 12.75
CA ASP B 64 5.65 3.39 12.13
C ASP B 64 4.46 3.94 11.36
N TYR B 65 4.70 5.06 10.66
CA TYR B 65 3.66 5.84 10.00
C TYR B 65 3.20 5.26 8.67
N THR B 66 3.75 4.14 8.23
CA THR B 66 3.31 3.54 6.98
C THR B 66 1.80 3.30 7.05
N HIS B 67 1.08 3.71 6.00
CA HIS B 67 -0.38 3.59 6.05
C HIS B 67 -0.96 3.60 4.66
N TYR B 68 -2.24 3.17 4.59
CA TYR B 68 -2.94 2.92 3.34
C TYR B 68 -4.24 3.71 3.37
N ALA B 69 -4.38 4.67 2.47
CA ALA B 69 -5.55 5.54 2.42
C ALA B 69 -6.46 5.15 1.27
N PHE B 70 -7.76 5.04 1.57
CA PHE B 70 -8.79 4.75 0.57
C PHE B 70 -9.55 6.01 0.22
N SER B 71 -9.94 6.11 -1.05
CA SER B 71 -10.70 7.27 -1.52
C SER B 71 -12.17 7.11 -1.19
N ILE B 72 -12.77 8.22 -0.79
CA ILE B 72 -14.20 8.33 -0.57
C ILE B 72 -14.59 9.75 -0.94
N SER B 73 -15.84 9.94 -1.35
CA SER B 73 -16.28 11.30 -1.66
C SER B 73 -16.51 12.09 -0.38
N GLU B 74 -16.43 13.41 -0.51
CA GLU B 74 -16.75 14.26 0.62
C GLU B 74 -18.16 13.99 1.12
N ALA B 75 -19.11 13.81 0.21
CA ALA B 75 -20.49 13.62 0.61
C ALA B 75 -20.68 12.33 1.41
N ASP B 76 -19.86 11.31 1.17
CA ASP B 76 -20.02 10.04 1.85
C ASP B 76 -19.16 9.91 3.10
N PHE B 77 -18.21 10.81 3.30
CA PHE B 77 -17.18 10.68 4.32
C PHE B 77 -17.77 10.54 5.73
N ALA B 78 -18.66 11.47 6.13
CA ALA B 78 -19.09 11.50 7.53
C ALA B 78 -19.88 10.25 7.90
N SER B 79 -20.72 9.75 7.00
N SER B 79 -20.75 9.79 7.00
CA SER B 79 -21.51 8.57 7.36
CA SER B 79 -21.51 8.57 7.28
C SER B 79 -20.63 7.32 7.38
C SER B 79 -20.57 7.39 7.45
N PHE B 80 -19.56 7.29 6.58
CA PHE B 80 -18.67 6.14 6.62
C PHE B 80 -17.86 6.17 7.91
N ALA B 81 -17.37 7.35 8.30
CA ALA B 81 -16.69 7.48 9.58
C ALA B 81 -17.61 7.06 10.72
N ALA B 82 -18.87 7.46 10.66
CA ALA B 82 -19.81 7.11 11.72
C ALA B 82 -20.04 5.59 11.78
N ARG B 83 -20.06 4.93 10.61
CA ARG B 83 -20.18 3.47 10.55
C ARG B 83 -19.01 2.81 11.25
N LEU B 84 -17.79 3.29 10.97
CA LEU B 84 -16.62 2.73 11.64
C LEU B 84 -16.69 2.97 13.15
N GLU B 85 -17.14 4.16 13.56
N GLU B 85 -17.12 4.16 13.56
CA GLU B 85 -17.26 4.46 14.98
CA GLU B 85 -17.24 4.44 14.98
C GLU B 85 -18.29 3.57 15.65
C GLU B 85 -18.28 3.53 15.63
N ALA B 86 -19.41 3.32 14.97
CA ALA B 86 -20.44 2.46 15.54
C ALA B 86 -19.90 1.05 15.75
N ALA B 87 -19.08 0.58 14.81
CA ALA B 87 -18.44 -0.73 14.89
C ALA B 87 -17.29 -0.76 15.89
N GLY B 88 -16.97 0.35 16.54
CA GLY B 88 -15.92 0.34 17.52
C GLY B 88 -14.53 0.32 16.96
N VAL B 89 -14.34 0.75 15.72
CA VAL B 89 -13.03 0.70 15.10
C VAL B 89 -12.19 1.84 15.68
N ALA B 90 -10.97 1.51 16.11
CA ALA B 90 -10.12 2.49 16.75
C ALA B 90 -9.52 3.49 15.77
N VAL B 91 -9.35 4.72 16.24
CA VAL B 91 -8.69 5.80 15.52
C VAL B 91 -7.27 5.92 16.04
N TRP B 92 -6.32 6.14 15.12
CA TRP B 92 -4.92 6.24 15.49
C TRP B 92 -4.33 7.64 15.36
N LYS B 93 -5.08 8.61 14.83
CA LYS B 93 -4.58 9.97 14.59
C LYS B 93 -5.78 10.85 14.32
N LEU B 94 -5.69 12.13 14.69
CA LEU B 94 -6.65 13.14 14.25
C LEU B 94 -6.18 13.85 12.99
N ASN B 95 -7.12 14.29 12.16
CA ASN B 95 -6.77 15.01 10.94
C ASN B 95 -6.32 16.44 11.26
N ARG B 96 -5.17 16.83 10.71
CA ARG B 96 -4.65 18.19 10.77
C ARG B 96 -4.14 18.70 9.42
N SER B 97 -4.46 18.01 8.32
N SER B 97 -4.55 18.11 8.31
CA SER B 97 -3.99 18.36 6.98
CA SER B 97 -4.04 18.52 7.01
C SER B 97 -5.19 18.74 6.09
C SER B 97 -5.19 18.56 6.01
N GLU B 98 -4.91 19.07 4.83
CA GLU B 98 -5.99 19.48 3.94
C GLU B 98 -6.71 18.24 3.41
N GLY B 99 -8.01 18.39 3.24
CA GLY B 99 -8.83 17.29 2.81
C GLY B 99 -9.27 16.47 4.00
N ALA B 100 -10.52 16.09 4.02
CA ALA B 100 -11.01 15.25 5.10
C ALA B 100 -10.22 13.95 5.17
N SER B 101 -9.88 13.54 6.39
CA SER B 101 -9.20 12.27 6.62
C SER B 101 -9.70 11.68 7.92
N HIS B 102 -9.93 10.37 7.91
CA HIS B 102 -10.28 9.58 9.09
C HIS B 102 -9.24 8.48 9.20
N TYR B 103 -8.55 8.41 10.33
CA TYR B 103 -7.41 7.49 10.48
C TYR B 103 -7.82 6.35 11.40
N PHE B 104 -7.89 5.13 10.87
CA PHE B 104 -8.47 4.02 11.62
C PHE B 104 -7.62 2.78 11.46
N LEU B 105 -7.80 1.82 12.37
CA LEU B 105 -6.99 0.61 12.42
C LEU B 105 -7.79 -0.61 11.98
N ASP B 106 -7.13 -1.51 11.25
CA ASP B 106 -7.72 -2.80 10.92
C ASP B 106 -7.52 -3.76 12.10
N PRO B 107 -8.07 -4.98 12.01
CA PRO B 107 -8.04 -5.89 13.17
C PRO B 107 -6.63 -6.25 13.65
N ASP B 108 -5.65 -6.19 12.77
CA ASP B 108 -4.26 -6.49 13.11
C ASP B 108 -3.44 -5.25 13.38
N GLY B 109 -4.05 -4.07 13.35
CA GLY B 109 -3.32 -2.85 13.55
C GLY B 109 -2.76 -2.23 12.30
N HIS B 110 -3.10 -2.73 11.12
CA HIS B 110 -2.70 -2.00 9.93
C HIS B 110 -3.32 -0.61 9.97
N LYS B 111 -2.50 0.39 9.66
CA LYS B 111 -2.93 1.78 9.70
C LYS B 111 -3.60 2.16 8.40
N LEU B 112 -4.89 2.48 8.49
CA LEU B 112 -5.71 2.84 7.35
C LEU B 112 -6.19 4.29 7.47
N GLU B 113 -6.69 4.80 6.36
CA GLU B 113 -7.19 6.16 6.30
C GLU B 113 -8.29 6.22 5.26
N LEU B 114 -9.33 7.00 5.55
CA LEU B 114 -10.24 7.50 4.53
C LEU B 114 -9.78 8.90 4.17
N HIS B 115 -9.57 9.20 2.88
CA HIS B 115 -9.19 10.55 2.50
C HIS B 115 -9.99 11.02 1.31
N VAL B 116 -10.35 12.30 1.36
CA VAL B 116 -10.99 13.03 0.28
C VAL B 116 -9.97 13.97 -0.33
N GLY B 117 -9.62 13.75 -1.59
CA GLY B 117 -8.75 14.66 -2.29
C GLY B 117 -7.62 13.95 -2.98
N SER B 118 -7.21 14.49 -4.11
CA SER B 118 -6.18 13.92 -4.97
C SER B 118 -4.80 14.49 -4.68
N LEU B 119 -3.80 13.90 -5.32
CA LEU B 119 -2.46 14.48 -5.30
C LEU B 119 -2.47 15.89 -5.89
N ALA B 120 -3.19 16.10 -6.99
CA ALA B 120 -3.24 17.44 -7.57
C ALA B 120 -3.77 18.46 -6.57
N GLN B 121 -4.80 18.08 -5.82
CA GLN B 121 -5.36 18.98 -4.82
C GLN B 121 -4.35 19.28 -3.73
N ARG B 122 -3.63 18.25 -3.27
CA ARG B 122 -2.61 18.45 -2.24
C ARG B 122 -1.50 19.35 -2.75
N LEU B 123 -1.03 19.11 -3.98
CA LEU B 123 0.05 19.93 -4.52
C LEU B 123 -0.39 21.38 -4.65
N ALA B 124 -1.63 21.62 -5.06
CA ALA B 124 -2.12 22.99 -5.19
C ALA B 124 -2.11 23.69 -3.85
N ALA B 125 -2.58 23.01 -2.80
CA ALA B 125 -2.56 23.58 -1.46
C ALA B 125 -1.13 23.84 -1.00
N CYS B 126 -0.22 22.91 -1.29
CA CYS B 126 1.18 23.07 -0.90
C CYS B 126 1.85 24.22 -1.63
N ARG B 127 1.50 24.44 -2.90
N ARG B 127 1.50 24.44 -2.90
CA ARG B 127 2.08 25.56 -3.63
CA ARG B 127 2.09 25.57 -3.60
C ARG B 127 1.71 26.88 -2.97
C ARG B 127 1.73 26.87 -2.91
N GLU B 128 0.49 26.98 -2.43
CA GLU B 128 0.06 28.20 -1.76
C GLU B 128 0.65 28.35 -0.36
N GLN B 129 0.94 27.23 0.31
CA GLN B 129 1.42 27.24 1.68
C GLN B 129 2.44 26.12 1.82
N PRO B 130 3.64 26.31 1.32
CA PRO B 130 4.59 25.20 1.25
C PRO B 130 5.07 24.75 2.62
N TYR B 131 5.25 23.44 2.75
CA TYR B 131 5.85 22.89 3.95
C TYR B 131 7.29 23.38 4.06
N LYS B 132 7.85 23.27 5.26
N LYS B 132 7.87 23.21 5.24
CA LYS B 132 9.24 23.67 5.49
CA LYS B 132 9.23 23.68 5.47
C LYS B 132 10.18 22.91 4.57
C LYS B 132 10.22 22.91 4.60
N GLY B 133 10.99 23.66 3.82
CA GLY B 133 11.95 23.08 2.92
C GLY B 133 11.38 22.60 1.61
N MET B 134 10.15 22.95 1.28
CA MET B 134 9.50 22.36 0.13
C MET B 134 9.99 22.92 -1.20
N VAL B 135 10.27 21.99 -2.11
N VAL B 135 10.28 22.02 -2.13
CA VAL B 135 10.70 22.22 -3.49
CA VAL B 135 10.61 22.38 -3.50
C VAL B 135 9.74 21.44 -4.37
C VAL B 135 9.85 21.45 -4.43
N PHE B 136 9.40 22.02 -5.53
CA PHE B 136 8.53 21.38 -6.51
C PHE B 136 9.34 21.05 -7.76
N PHE B 137 8.90 20.02 -8.47
CA PHE B 137 9.60 19.57 -9.66
C PHE B 137 8.67 19.48 -10.84
#